data_5F83
#
_entry.id   5F83
#
_cell.length_a   42.920
_cell.length_b   81.483
_cell.length_c   71.716
_cell.angle_alpha   90.000
_cell.angle_beta   101.970
_cell.angle_gamma   90.000
#
_symmetry.space_group_name_H-M   'P 1 21 1'
#
loop_
_entity.id
_entity.type
_entity.pdbx_description
1 polymer Beta-lactamase
2 non-polymer '(5R)-5-[(1S,2R)-1-formyl-2-hydroxypropyl]-3-[(2-{[(E)-iminomethyl]amino}ethyl)sulfanyl]-4,5-dihydro-1H-pyrrole-2-carbox ylic acid'
3 water water
#
_entity_poly.entity_id   1
_entity_poly.type   'polypeptide(L)'
_entity_poly.pdbx_seq_one_letter_code
;SEKLTFKTDLEKLEREKAAQIGVAIVDPQGEIVAGHRMAQRFAMGSTFKFPLAALVFERIDSGTERGDRKLSYGPDMIVE
WSPATERFLASGHMTVLEAAQAAVQLSDNGATNLLLREIGGPAAMTQYFRKIGDSVSRLDRKEPEMSDNTPGDLRDTTTP
IAMARTVAKVLYGGALTSTSTHTIERWLIGNQTGDATLRAGFPKDWVVGEKTGTCANGGRNDIGFFKAQERDYAVAVYTT
APKLSAVERDELVASVGQVITQLILSTA
;
_entity_poly.pdbx_strand_id   A,B
#
loop_
_chem_comp.id
_chem_comp.type
_chem_comp.name
_chem_comp.formula
IM2 non-polymer '(5R)-5-[(1S,2R)-1-formyl-2-hydroxypropyl]-3-[(2-{[(E)-iminomethyl]amino}ethyl)sulfanyl]-4,5-dihydro-1H-pyrrole-2-carbox ylic acid' 'C12 H19 N3 O4 S'
#
# COMPACT_ATOMS: atom_id res chain seq x y z
N SER A 1 8.30 8.33 40.88
CA SER A 1 7.31 8.92 39.99
C SER A 1 7.49 8.47 38.56
N GLU A 2 6.46 7.84 38.01
CA GLU A 2 6.55 7.36 36.64
C GLU A 2 6.63 8.53 35.65
N LYS A 3 5.87 9.59 35.87
CA LYS A 3 5.97 10.77 35.01
C LYS A 3 7.33 11.44 35.13
N LEU A 4 7.97 11.38 36.29
CA LEU A 4 9.31 11.94 36.39
C LEU A 4 10.30 11.09 35.60
N THR A 5 10.16 9.78 35.66
CA THR A 5 11.01 8.92 34.86
C THR A 5 10.80 9.20 33.37
N PHE A 6 9.55 9.40 32.98
CA PHE A 6 9.23 9.75 31.59
C PHE A 6 9.97 11.03 31.16
N LYS A 7 9.89 12.07 31.99
CA LYS A 7 10.58 13.32 31.68
C LYS A 7 12.09 13.11 31.64
N THR A 8 12.63 12.42 32.66
CA THR A 8 14.07 12.22 32.74
C THR A 8 14.59 11.42 31.56
N ASP A 9 13.87 10.38 31.16
CA ASP A 9 14.31 9.54 30.06
C ASP A 9 14.25 10.29 28.72
N LEU A 10 13.23 11.13 28.54
CA LEU A 10 13.21 11.96 27.33
C LEU A 10 14.35 12.97 27.33
N GLU A 11 14.63 13.57 28.49
CA GLU A 11 15.71 14.55 28.54
C GLU A 11 17.08 13.90 28.34
N LYS A 12 17.26 12.65 28.76
CA LYS A 12 18.51 11.95 28.45
C LYS A 12 18.65 11.73 26.95
N LEU A 13 17.57 11.31 26.27
CA LEU A 13 17.64 11.18 24.81
C LEU A 13 17.96 12.51 24.16
N GLU A 14 17.35 13.59 24.64
CA GLU A 14 17.61 14.91 24.07
C GLU A 14 19.08 15.27 24.20
N ARG A 15 19.66 15.07 25.39
CA ARG A 15 21.07 15.40 25.59
C ARG A 15 21.98 14.53 24.72
N GLU A 16 21.77 13.22 24.76
CA GLU A 16 22.67 12.30 24.08
C GLU A 16 22.57 12.38 22.56
N LYS A 17 21.39 12.70 22.02
CA LYS A 17 21.18 12.77 20.58
C LYS A 17 21.19 14.19 20.03
N ALA A 18 21.44 15.20 20.86
CA ALA A 18 21.38 16.60 20.47
C ALA A 18 20.05 16.89 19.78
N ALA A 19 18.97 16.55 20.48
CA ALA A 19 17.65 16.56 19.88
C ALA A 19 16.67 17.32 20.77
N GLN A 20 15.57 17.76 20.16
CA GLN A 20 14.41 18.25 20.87
C GLN A 20 13.25 17.30 20.61
N ILE A 21 12.56 16.89 21.67
CA ILE A 21 11.51 15.89 21.60
C ILE A 21 10.23 16.48 22.15
N GLY A 22 9.24 16.69 21.29
CA GLY A 22 7.93 17.12 21.72
C GLY A 22 6.94 15.96 21.72
N VAL A 23 6.25 15.78 22.84
CA VAL A 23 5.32 14.66 22.99
C VAL A 23 4.07 15.16 23.70
N ALA A 24 2.91 14.68 23.28
CA ALA A 24 1.70 14.80 24.09
C ALA A 24 0.93 13.50 23.95
N ILE A 25 0.47 12.97 25.09
CA ILE A 25 -0.43 11.83 25.16
C ILE A 25 -1.70 12.35 25.80
N VAL A 26 -2.84 12.14 25.13
CA VAL A 26 -4.14 12.54 25.68
C VAL A 26 -5.10 11.35 25.66
N ASP A 27 -6.14 11.42 26.50
CA ASP A 27 -7.20 10.42 26.50
C ASP A 27 -8.20 10.75 25.39
N PRO A 28 -9.23 9.92 25.21
CA PRO A 28 -10.17 10.13 24.09
C PRO A 28 -10.87 11.46 24.14
N GLN A 29 -10.99 12.08 25.31
CA GLN A 29 -11.65 13.36 25.49
C GLN A 29 -10.67 14.52 25.43
N GLY A 30 -9.39 14.24 25.18
CA GLY A 30 -8.40 15.29 25.09
C GLY A 30 -7.75 15.68 26.39
N GLU A 31 -8.01 14.94 27.46
CA GLU A 31 -7.40 15.25 28.75
C GLU A 31 -5.94 14.78 28.73
N ILE A 32 -5.07 15.58 29.33
CA ILE A 32 -3.64 15.31 29.25
C ILE A 32 -3.26 14.15 30.13
N VAL A 33 -2.56 13.19 29.56
CA VAL A 33 -1.93 12.12 30.32
C VAL A 33 -0.48 12.47 30.66
N ALA A 34 0.31 12.86 29.66
CA ALA A 34 1.69 13.29 29.88
C ALA A 34 2.16 14.02 28.64
N GLY A 35 3.24 14.78 28.80
CA GLY A 35 3.83 15.46 27.67
C GLY A 35 5.20 16.00 27.98
N HIS A 36 5.85 16.47 26.93
CA HIS A 36 7.18 17.07 27.02
C HIS A 36 7.27 18.08 25.91
N ARG A 37 7.70 19.31 26.24
CA ARG A 37 7.67 20.41 25.26
C ARG A 37 6.32 20.46 24.54
N MET A 38 5.24 20.26 25.30
CA MET A 38 3.99 19.90 24.66
C MET A 38 3.36 21.07 23.90
N ALA A 39 3.71 22.31 24.25
CA ALA A 39 3.19 23.48 23.55
C ALA A 39 4.29 24.25 22.82
N GLN A 40 5.43 23.61 22.59
CA GLN A 40 6.41 24.14 21.66
C GLN A 40 5.98 23.84 20.23
N ARG A 41 6.12 24.81 19.33
CA ARG A 41 5.76 24.58 17.93
C ARG A 41 6.81 23.76 17.21
N PHE A 42 6.36 22.83 16.36
CA PHE A 42 7.23 22.06 15.49
C PHE A 42 6.59 22.01 14.11
N ALA A 43 7.42 21.92 13.07
CA ALA A 43 6.91 21.74 11.71
C ALA A 43 6.15 20.42 11.61
N MET A 44 4.96 20.45 11.00
CA MET A 44 4.14 19.24 10.89
C MET A 44 4.75 18.24 9.91
N GLY A 45 5.36 18.72 8.84
CA GLY A 45 5.65 17.83 7.76
C GLY A 45 4.42 17.06 7.33
N SER A 46 4.66 15.83 6.87
CA SER A 46 3.58 15.01 6.31
C SER A 46 2.54 14.60 7.35
N THR A 47 2.75 14.87 8.64
CA THR A 47 1.73 14.50 9.62
C THR A 47 0.39 15.16 9.33
N PHE A 48 0.39 16.30 8.64
CA PHE A 48 -0.91 16.95 8.38
C PHE A 48 -1.79 16.15 7.43
N LYS A 49 -1.22 15.14 6.75
CA LYS A 49 -2.01 14.38 5.78
C LYS A 49 -3.11 13.57 6.47
N PHE A 50 -2.91 13.23 7.76
CA PHE A 50 -3.99 12.59 8.52
C PHE A 50 -5.15 13.56 8.73
N PRO A 51 -4.95 14.76 9.33
CA PRO A 51 -6.05 15.75 9.35
C PRO A 51 -6.63 16.06 7.99
N LEU A 52 -5.81 16.09 6.92
CA LEU A 52 -6.36 16.32 5.59
C LEU A 52 -7.36 15.23 5.21
N ALA A 53 -7.00 13.96 5.45
CA ALA A 53 -7.94 12.89 5.17
C ALA A 53 -9.20 13.01 6.03
N ALA A 54 -9.07 13.45 7.28
CA ALA A 54 -10.25 13.67 8.11
C ALA A 54 -11.15 14.75 7.50
N LEU A 55 -10.57 15.84 7.01
CA LEU A 55 -11.34 16.88 6.33
C LEU A 55 -12.09 16.28 5.13
N VAL A 56 -11.41 15.46 4.34
CA VAL A 56 -12.05 14.80 3.20
C VAL A 56 -13.21 13.92 3.65
N PHE A 57 -13.00 13.14 4.72
CA PHE A 57 -14.08 12.31 5.24
C PHE A 57 -15.25 13.14 5.77
N GLU A 58 -14.97 14.29 6.40
CA GLU A 58 -16.09 15.15 6.82
C GLU A 58 -16.92 15.54 5.62
N ARG A 59 -16.28 15.87 4.51
CA ARG A 59 -17.01 16.26 3.30
C ARG A 59 -17.76 15.08 2.71
N ILE A 60 -17.15 13.89 2.74
CA ILE A 60 -17.87 12.69 2.30
C ILE A 60 -19.08 12.42 3.18
N ASP A 61 -18.89 12.49 4.50
CA ASP A 61 -20.00 12.30 5.44
C ASP A 61 -21.11 13.29 5.16
N SER A 62 -20.76 14.55 4.91
CA SER A 62 -21.76 15.59 4.71
CA SER A 62 -21.77 15.59 4.71
C SER A 62 -22.44 15.46 3.36
N GLY A 63 -21.72 14.96 2.34
CA GLY A 63 -22.21 14.91 0.99
C GLY A 63 -21.65 15.99 0.08
N THR A 64 -20.82 16.88 0.60
CA THR A 64 -20.20 17.90 -0.25
C THR A 64 -19.03 17.34 -1.07
N GLU A 65 -18.62 16.10 -0.81
CA GLU A 65 -17.65 15.41 -1.64
C GLU A 65 -18.14 13.98 -1.76
N ARG A 66 -17.69 13.30 -2.81
CA ARG A 66 -18.02 11.89 -3.04
C ARG A 66 -16.75 11.08 -3.13
N GLY A 67 -16.67 9.99 -2.37
CA GLY A 67 -15.43 9.25 -2.28
C GLY A 67 -14.95 8.67 -3.59
N ASP A 68 -15.88 8.25 -4.45
CA ASP A 68 -15.49 7.65 -5.71
C ASP A 68 -15.35 8.65 -6.86
N ARG A 69 -15.42 9.96 -6.57
CA ARG A 69 -15.26 10.95 -7.64
C ARG A 69 -13.84 10.91 -8.18
N LYS A 70 -13.71 10.94 -9.50
CA LYS A 70 -12.42 10.82 -10.18
C LYS A 70 -11.76 12.19 -10.31
N LEU A 71 -10.53 12.30 -9.79
CA LEU A 71 -9.74 13.52 -9.85
C LEU A 71 -8.72 13.36 -10.96
N SER A 72 -8.94 14.08 -12.07
CA SER A 72 -8.04 13.99 -13.21
C SER A 72 -6.78 14.82 -13.00
N TYR A 73 -5.68 14.32 -13.55
CA TYR A 73 -4.43 15.07 -13.45
C TYR A 73 -3.45 14.68 -14.55
N GLY A 74 -2.47 15.56 -14.75
CA GLY A 74 -1.35 15.28 -15.64
C GLY A 74 -0.04 15.22 -14.88
N PRO A 75 1.08 15.09 -15.61
CA PRO A 75 2.39 14.99 -14.95
C PRO A 75 2.77 16.21 -14.13
N ASP A 76 2.09 17.34 -14.33
CA ASP A 76 2.31 18.53 -13.50
C ASP A 76 2.08 18.25 -12.03
N MET A 77 1.30 17.22 -11.68
CA MET A 77 1.02 16.91 -10.28
C MET A 77 2.05 15.97 -9.65
N ILE A 78 3.00 15.46 -10.41
CA ILE A 78 4.03 14.59 -9.86
C ILE A 78 5.10 15.46 -9.22
N VAL A 79 5.31 15.29 -7.92
CA VAL A 79 6.38 15.93 -7.19
C VAL A 79 7.17 14.86 -6.45
N GLU A 80 8.23 15.28 -5.77
CA GLU A 80 9.04 14.34 -4.99
C GLU A 80 8.14 13.46 -4.12
N TRP A 81 8.44 12.16 -4.13
CA TRP A 81 7.73 11.15 -3.34
C TRP A 81 6.23 11.12 -3.64
N SER A 82 5.92 10.63 -4.84
CA SER A 82 4.54 10.46 -5.30
C SER A 82 4.37 9.06 -5.87
N PRO A 83 4.63 8.01 -5.06
CA PRO A 83 4.67 6.65 -5.63
C PRO A 83 3.36 6.17 -6.26
N ALA A 84 2.22 6.39 -5.60
CA ALA A 84 0.95 5.97 -6.17
C ALA A 84 0.52 6.90 -7.30
N THR A 85 0.69 8.21 -7.11
CA THR A 85 0.33 9.16 -8.16
C THR A 85 1.04 8.84 -9.46
N GLU A 86 2.32 8.44 -9.37
CA GLU A 86 3.07 8.07 -10.57
C GLU A 86 2.48 6.82 -11.21
N ARG A 87 2.08 5.83 -10.41
CA ARG A 87 1.54 4.60 -10.99
C ARG A 87 0.20 4.84 -11.67
N PHE A 88 -0.63 5.73 -11.11
CA PHE A 88 -1.94 6.00 -11.68
C PHE A 88 -1.92 7.07 -12.77
N LEU A 89 -0.75 7.67 -13.02
CA LEU A 89 -0.67 8.78 -13.98
C LEU A 89 -1.20 8.39 -15.35
N ALA A 90 -0.76 7.26 -15.90
CA ALA A 90 -1.21 6.88 -17.24
C ALA A 90 -2.73 6.71 -17.30
N SER A 91 -3.35 6.19 -16.23
CA SER A 91 -4.81 6.05 -16.22
C SER A 91 -5.49 7.41 -16.25
N GLY A 92 -4.83 8.46 -15.75
CA GLY A 92 -5.31 9.82 -15.82
C GLY A 92 -6.06 10.33 -14.61
N HIS A 93 -6.30 9.51 -13.58
CA HIS A 93 -7.00 10.01 -12.41
C HIS A 93 -6.70 9.13 -11.22
N MET A 94 -6.97 9.68 -10.03
CA MET A 94 -7.22 8.89 -8.82
C MET A 94 -8.53 9.36 -8.23
N THR A 95 -9.28 8.44 -7.62
CA THR A 95 -10.47 8.90 -6.92
C THR A 95 -10.09 9.65 -5.65
N VAL A 96 -11.05 10.41 -5.13
CA VAL A 96 -10.89 11.06 -3.82
C VAL A 96 -10.38 10.07 -2.79
N LEU A 97 -11.03 8.90 -2.67
CA LEU A 97 -10.64 7.92 -1.65
C LEU A 97 -9.27 7.32 -1.97
N GLU A 98 -8.98 7.01 -3.23
CA GLU A 98 -7.65 6.49 -3.56
C GLU A 98 -6.58 7.49 -3.16
N ALA A 99 -6.80 8.76 -3.49
CA ALA A 99 -5.81 9.80 -3.18
C ALA A 99 -5.64 9.95 -1.67
N ALA A 100 -6.74 9.91 -0.91
CA ALA A 100 -6.64 10.07 0.53
C ALA A 100 -5.89 8.90 1.14
N GLN A 101 -6.17 7.68 0.69
CA GLN A 101 -5.49 6.52 1.24
C GLN A 101 -4.00 6.52 0.90
N ALA A 102 -3.64 6.96 -0.30
CA ALA A 102 -2.23 7.09 -0.64
C ALA A 102 -1.55 8.17 0.18
N ALA A 103 -2.22 9.29 0.40
CA ALA A 103 -1.65 10.33 1.26
C ALA A 103 -1.38 9.82 2.66
N VAL A 104 -2.32 9.04 3.22
CA VAL A 104 -2.17 8.56 4.59
C VAL A 104 -1.15 7.43 4.68
N GLN A 105 -1.24 6.45 3.78
CA GLN A 105 -0.51 5.19 3.97
C GLN A 105 0.83 5.16 3.26
N LEU A 106 1.03 6.00 2.24
CA LEU A 106 2.29 6.09 1.54
C LEU A 106 2.91 7.47 1.69
N SER A 107 2.21 8.42 2.34
CA SER A 107 2.69 9.78 2.42
C SER A 107 2.86 10.41 1.02
N ASP A 108 2.02 10.00 0.07
CA ASP A 108 2.19 10.42 -1.32
C ASP A 108 1.93 11.93 -1.46
N ASN A 109 2.94 12.65 -1.92
CA ASN A 109 2.83 14.12 -2.01
C ASN A 109 1.92 14.56 -3.14
N GLY A 110 2.01 13.92 -4.30
CA GLY A 110 1.13 14.28 -5.40
C GLY A 110 -0.32 14.07 -5.03
N ALA A 111 -0.61 12.96 -4.34
CA ALA A 111 -2.00 12.68 -3.95
C ALA A 111 -2.49 13.71 -2.95
N THR A 112 -1.61 14.10 -2.03
CA THR A 112 -1.95 15.15 -1.07
C THR A 112 -2.28 16.46 -1.78
N ASN A 113 -1.45 16.86 -2.74
CA ASN A 113 -1.69 18.10 -3.46
C ASN A 113 -2.93 18.00 -4.33
N LEU A 114 -3.23 16.82 -4.88
CA LEU A 114 -4.46 16.63 -5.63
C LEU A 114 -5.67 16.94 -4.76
N LEU A 115 -5.67 16.44 -3.52
CA LEU A 115 -6.75 16.73 -2.60
C LEU A 115 -6.77 18.20 -2.19
N LEU A 116 -5.60 18.79 -1.92
CA LEU A 116 -5.57 20.21 -1.60
C LEU A 116 -6.19 21.04 -2.72
N ARG A 117 -5.92 20.68 -3.98
CA ARG A 117 -6.49 21.41 -5.12
C ARG A 117 -8.02 21.39 -5.07
N GLU A 118 -8.60 20.31 -4.54
CA GLU A 118 -10.05 20.13 -4.52
C GLU A 118 -10.72 20.81 -3.35
N ILE A 119 -10.06 20.84 -2.17
CA ILE A 119 -10.74 21.24 -0.94
C ILE A 119 -10.53 22.70 -0.58
N GLY A 120 -9.71 23.43 -1.33
CA GLY A 120 -9.49 24.84 -1.08
C GLY A 120 -8.11 25.22 -0.61
N GLY A 121 -7.14 24.32 -0.73
CA GLY A 121 -5.76 24.64 -0.44
C GLY A 121 -5.45 24.79 1.02
N PRO A 122 -4.24 25.25 1.32
CA PRO A 122 -3.84 25.42 2.72
C PRO A 122 -4.81 26.23 3.56
N ALA A 123 -5.41 27.29 2.99
CA ALA A 123 -6.35 28.07 3.77
C ALA A 123 -7.51 27.22 4.26
N ALA A 124 -8.00 26.30 3.41
CA ALA A 124 -9.12 25.44 3.80
C ALA A 124 -8.69 24.38 4.80
N MET A 125 -7.48 23.86 4.68
CA MET A 125 -6.98 22.93 5.69
C MET A 125 -6.94 23.62 7.05
N THR A 126 -6.43 24.86 7.09
CA THR A 126 -6.37 25.61 8.33
C THR A 126 -7.76 25.88 8.89
N GLN A 127 -8.73 26.22 8.03
CA GLN A 127 -10.08 26.42 8.52
C GLN A 127 -10.66 25.15 9.14
N TYR A 128 -10.30 23.98 8.60
CA TYR A 128 -10.79 22.74 9.21
C TYR A 128 -10.23 22.55 10.60
N PHE A 129 -8.92 22.77 10.78
CA PHE A 129 -8.36 22.74 12.14
C PHE A 129 -9.18 23.61 13.08
N ARG A 130 -9.44 24.87 12.68
CA ARG A 130 -10.19 25.78 13.55
C ARG A 130 -11.57 25.21 13.86
N LYS A 131 -12.23 24.65 12.85
CA LYS A 131 -13.59 24.12 13.01
C LYS A 131 -13.65 23.02 14.08
N ILE A 132 -12.62 22.17 14.14
CA ILE A 132 -12.60 21.08 15.11
C ILE A 132 -11.90 21.47 16.40
N GLY A 133 -11.75 22.76 16.67
CA GLY A 133 -11.27 23.21 17.98
C GLY A 133 -9.79 23.37 18.11
N ASP A 134 -9.03 23.27 17.03
CA ASP A 134 -7.57 23.43 17.04
C ASP A 134 -7.27 24.84 16.54
N SER A 135 -6.89 25.72 17.46
CA SER A 135 -6.54 27.09 17.11
C SER A 135 -5.06 27.28 16.83
N VAL A 136 -4.30 26.19 16.80
CA VAL A 136 -2.85 26.22 16.77
C VAL A 136 -2.30 25.74 15.44
N SER A 137 -2.70 24.53 15.02
CA SER A 137 -2.15 23.96 13.79
C SER A 137 -2.46 24.86 12.59
N ARG A 138 -1.49 25.00 11.69
CA ARG A 138 -1.71 25.82 10.51
C ARG A 138 -0.99 25.23 9.31
N LEU A 139 -1.71 25.10 8.19
CA LEU A 139 -1.08 24.77 6.92
C LEU A 139 -0.99 26.05 6.08
N ASP A 140 0.21 26.37 5.62
CA ASP A 140 0.44 27.56 4.83
C ASP A 140 0.85 27.25 3.39
N ARG A 141 1.44 26.08 3.15
CA ARG A 141 1.99 25.71 1.85
C ARG A 141 1.62 24.28 1.51
N LYS A 142 1.70 23.95 0.22
CA LYS A 142 1.52 22.59 -0.24
C LYS A 142 2.84 21.81 -0.11
N GLU A 143 2.81 20.53 -0.47
CA GLU A 143 4.01 19.69 -0.42
C GLU A 143 4.82 19.85 -1.71
N PRO A 144 6.15 19.69 -1.63
CA PRO A 144 6.92 19.42 -0.40
C PRO A 144 7.43 20.65 0.34
N GLU A 145 7.19 21.86 -0.17
CA GLU A 145 7.80 23.04 0.46
C GLU A 145 7.29 23.26 1.89
N MET A 146 6.11 22.74 2.23
CA MET A 146 5.63 22.92 3.60
C MET A 146 6.54 22.23 4.63
N SER A 147 7.41 21.31 4.19
CA SER A 147 8.30 20.60 5.08
CA SER A 147 8.32 20.58 5.07
C SER A 147 9.69 21.22 5.18
N ASP A 148 9.87 22.45 4.66
CA ASP A 148 11.16 23.12 4.68
C ASP A 148 11.71 23.27 6.10
N ASN A 149 10.84 23.50 7.07
CA ASN A 149 11.25 23.54 8.49
C ASN A 149 12.38 24.55 8.73
N THR A 150 12.25 25.73 8.15
CA THR A 150 13.25 26.77 8.39
C THR A 150 13.22 27.15 9.87
N PRO A 151 14.36 27.15 10.55
CA PRO A 151 14.38 27.41 12.00
C PRO A 151 13.61 28.67 12.36
N GLY A 152 12.70 28.54 13.33
CA GLY A 152 11.95 29.65 13.82
C GLY A 152 10.67 29.95 13.06
N ASP A 153 10.51 29.42 11.86
CA ASP A 153 9.35 29.72 11.03
C ASP A 153 8.11 29.11 11.66
N LEU A 154 7.06 29.92 11.83
CA LEU A 154 5.83 29.38 12.38
C LEU A 154 4.86 28.87 11.30
N ARG A 155 5.17 29.07 10.03
CA ARG A 155 4.32 28.49 8.99
C ARG A 155 4.35 26.97 9.10
N ASP A 156 3.22 26.34 8.83
CA ASP A 156 3.18 24.88 8.66
C ASP A 156 3.56 24.14 9.94
N THR A 157 3.20 24.72 11.08
CA THR A 157 3.51 24.16 12.39
C THR A 157 2.25 23.70 13.14
N THR A 158 2.50 22.90 14.17
CA THR A 158 1.52 22.55 15.19
C THR A 158 2.28 22.48 16.51
N THR A 159 1.59 22.09 17.58
CA THR A 159 2.26 21.70 18.81
C THR A 159 1.85 20.28 19.13
N PRO A 160 2.69 19.54 19.88
CA PRO A 160 2.27 18.19 20.27
C PRO A 160 0.88 18.15 20.89
N ILE A 161 0.57 19.07 21.81
CA ILE A 161 -0.72 18.98 22.48
C ILE A 161 -1.88 19.30 21.55
N ALA A 162 -1.73 20.34 20.71
CA ALA A 162 -2.82 20.65 19.78
C ALA A 162 -3.05 19.50 18.80
N MET A 163 -1.98 18.90 18.27
CA MET A 163 -2.17 17.81 17.31
C MET A 163 -2.72 16.57 17.99
N ALA A 164 -2.25 16.23 19.20
CA ALA A 164 -2.82 15.08 19.89
C ALA A 164 -4.30 15.27 20.13
N ARG A 165 -4.71 16.49 20.52
CA ARG A 165 -6.13 16.76 20.71
C ARG A 165 -6.91 16.69 19.40
N THR A 166 -6.31 17.12 18.29
CA THR A 166 -6.96 16.97 16.98
C THR A 166 -7.12 15.49 16.62
N VAL A 167 -6.08 14.69 16.87
CA VAL A 167 -6.20 13.25 16.62
C VAL A 167 -7.35 12.67 17.45
N ALA A 168 -7.40 13.02 18.74
CA ALA A 168 -8.49 12.50 19.58
C ALA A 168 -9.85 12.94 19.06
N LYS A 169 -9.97 14.19 18.62
CA LYS A 169 -11.26 14.66 18.10
C LYS A 169 -11.70 13.86 16.90
N VAL A 170 -10.76 13.55 15.99
CA VAL A 170 -11.07 12.80 14.78
C VAL A 170 -11.42 11.35 15.11
N LEU A 171 -10.68 10.71 16.01
CA LEU A 171 -10.90 9.28 16.23
C LEU A 171 -11.93 8.98 17.30
N TYR A 172 -12.09 9.87 18.29
CA TYR A 172 -12.92 9.57 19.46
C TYR A 172 -13.95 10.62 19.76
N GLY A 173 -13.83 11.83 19.22
CA GLY A 173 -14.66 12.94 19.62
C GLY A 173 -15.81 13.26 18.67
N GLY A 174 -16.14 12.33 17.79
CA GLY A 174 -17.32 12.47 16.97
C GLY A 174 -17.20 13.38 15.76
N ALA A 175 -15.97 13.71 15.34
CA ALA A 175 -15.79 14.54 14.15
C ALA A 175 -16.32 13.85 12.89
N LEU A 176 -16.27 12.52 12.84
CA LEU A 176 -16.67 11.74 11.68
C LEU A 176 -17.73 10.73 12.07
N THR A 177 -18.51 10.28 11.08
CA THR A 177 -19.44 9.17 11.32
C THR A 177 -18.68 7.93 11.78
N SER A 178 -19.42 6.99 12.36
CA SER A 178 -18.78 5.75 12.81
C SER A 178 -18.10 5.03 11.65
N THR A 179 -18.74 5.03 10.47
CA THR A 179 -18.14 4.36 9.32
C THR A 179 -16.85 5.04 8.89
N SER A 180 -16.87 6.38 8.76
CA SER A 180 -15.65 7.06 8.32
C SER A 180 -14.55 7.00 9.38
N THR A 181 -14.93 7.05 10.67
CA THR A 181 -13.96 6.91 11.74
C THR A 181 -13.27 5.56 11.66
N HIS A 182 -14.05 4.49 11.46
CA HIS A 182 -13.46 3.17 11.36
C HIS A 182 -12.54 3.07 10.15
N THR A 183 -12.96 3.65 9.02
CA THR A 183 -12.12 3.57 7.83
C THR A 183 -10.78 4.26 8.05
N ILE A 184 -10.80 5.48 8.62
CA ILE A 184 -9.53 6.19 8.80
C ILE A 184 -8.66 5.52 9.87
N GLU A 185 -9.28 4.93 10.90
CA GLU A 185 -8.54 4.13 11.88
C GLU A 185 -7.80 2.98 11.19
N ARG A 186 -8.52 2.21 10.35
CA ARG A 186 -7.87 1.11 9.64
C ARG A 186 -6.76 1.60 8.73
N TRP A 187 -6.93 2.77 8.09
CA TRP A 187 -5.85 3.29 7.25
C TRP A 187 -4.60 3.57 8.07
N LEU A 188 -4.78 4.14 9.27
CA LEU A 188 -3.63 4.41 10.14
C LEU A 188 -2.96 3.12 10.60
N ILE A 189 -3.75 2.10 10.96
CA ILE A 189 -3.15 0.83 11.37
C ILE A 189 -2.35 0.25 10.21
N GLY A 190 -2.89 0.32 8.99
CA GLY A 190 -2.23 -0.21 7.82
C GLY A 190 -1.21 0.72 7.18
N ASN A 191 -0.86 1.83 7.82
CA ASN A 191 0.15 2.71 7.27
C ASN A 191 1.39 1.92 6.86
N GLN A 192 1.98 2.29 5.72
CA GLN A 192 3.14 1.56 5.24
C GLN A 192 4.48 2.18 5.61
N THR A 193 4.48 3.39 6.19
CA THR A 193 5.72 4.15 6.35
C THR A 193 6.23 4.19 7.79
N GLY A 194 5.54 3.55 8.74
CA GLY A 194 5.86 3.72 10.14
C GLY A 194 6.46 2.52 10.83
N ASP A 195 6.95 1.53 10.08
CA ASP A 195 7.39 0.31 10.73
C ASP A 195 8.60 0.51 11.65
N ALA A 196 9.41 1.53 11.41
CA ALA A 196 10.62 1.76 12.20
C ALA A 196 10.49 2.88 13.21
N THR A 197 9.33 3.52 13.31
CA THR A 197 9.15 4.70 14.17
C THR A 197 8.34 4.29 15.41
N LEU A 198 7.30 5.04 15.79
CA LEU A 198 6.63 4.79 17.07
C LEU A 198 6.24 3.34 17.27
N ARG A 199 5.61 2.74 16.26
CA ARG A 199 5.07 1.40 16.48
C ARG A 199 6.16 0.36 16.67
N ALA A 200 7.42 0.69 16.31
CA ALA A 200 8.54 -0.19 16.64
C ALA A 200 8.84 -0.18 18.13
N GLY A 201 8.43 0.87 18.84
CA GLY A 201 8.68 0.96 20.28
C GLY A 201 7.49 0.60 21.16
N PHE A 202 6.34 0.35 20.59
CA PHE A 202 5.19 -0.05 21.37
C PHE A 202 5.06 -1.57 21.42
N PRO A 203 4.43 -2.12 22.47
CA PRO A 203 4.19 -3.56 22.53
C PRO A 203 3.41 -4.06 21.31
N LYS A 204 3.69 -5.31 20.96
CA LYS A 204 3.11 -5.88 19.76
C LYS A 204 1.65 -6.27 19.91
N ASP A 205 1.10 -6.25 21.12
CA ASP A 205 -0.31 -6.51 21.33
C ASP A 205 -1.13 -5.22 21.47
N TRP A 206 -0.49 -4.05 21.45
CA TRP A 206 -1.24 -2.80 21.44
C TRP A 206 -1.68 -2.53 20.01
N VAL A 207 -2.91 -2.06 19.85
CA VAL A 207 -3.35 -1.63 18.52
C VAL A 207 -2.81 -0.22 18.30
N VAL A 208 -2.08 -0.04 17.21
CA VAL A 208 -1.41 1.23 16.92
C VAL A 208 -1.70 1.62 15.48
N GLY A 209 -2.04 2.89 15.27
CA GLY A 209 -2.14 3.43 13.93
C GLY A 209 -1.51 4.81 13.94
N GLU A 210 -0.78 5.19 12.89
CA GLU A 210 -0.08 6.46 12.94
C GLU A 210 0.28 6.95 11.55
N LYS A 211 0.66 8.22 11.49
CA LYS A 211 1.11 8.92 10.30
C LYS A 211 2.46 9.58 10.59
N THR A 212 3.47 9.24 9.80
CA THR A 212 4.82 9.78 9.94
C THR A 212 4.99 11.14 9.24
N GLY A 213 6.07 11.80 9.58
CA GLY A 213 6.56 12.90 8.77
C GLY A 213 8.06 13.02 8.89
N THR A 214 8.67 13.58 7.85
CA THR A 214 10.08 13.90 7.83
C THR A 214 10.21 15.32 7.29
N CYS A 215 10.89 16.18 8.02
CA CYS A 215 11.12 17.55 7.59
C CYS A 215 12.62 17.81 7.46
N ALA A 216 12.97 18.76 6.60
CA ALA A 216 14.36 19.19 6.50
C ALA A 216 14.85 19.69 7.86
N ASN A 217 16.17 19.81 8.00
CA ASN A 217 16.76 20.30 9.24
C ASN A 217 16.48 19.36 10.42
N GLY A 218 16.26 18.09 10.13
CA GLY A 218 16.26 17.06 11.15
C GLY A 218 14.93 16.74 11.78
N GLY A 219 13.82 17.10 11.14
CA GLY A 219 12.51 16.80 11.72
C GLY A 219 12.09 15.37 11.44
N ARG A 220 11.64 14.67 12.49
CA ARG A 220 11.08 13.33 12.34
C ARG A 220 9.91 13.20 13.31
N ASN A 221 8.75 12.91 12.78
CA ASN A 221 7.49 13.04 13.51
C ASN A 221 6.63 11.79 13.31
N ASP A 222 5.70 11.58 14.25
CA ASP A 222 4.78 10.45 14.15
C ASP A 222 3.62 10.76 15.08
N ILE A 223 2.39 10.73 14.54
CA ILE A 223 1.18 11.04 15.29
C ILE A 223 0.16 9.94 15.05
N GLY A 224 -0.70 9.72 16.04
CA GLY A 224 -1.70 8.65 15.85
C GLY A 224 -2.36 8.23 17.14
N PHE A 225 -2.64 6.95 17.27
CA PHE A 225 -3.34 6.44 18.44
C PHE A 225 -2.75 5.11 18.83
N PHE A 226 -2.94 4.76 20.09
CA PHE A 226 -2.68 3.40 20.54
C PHE A 226 -3.76 2.98 21.52
N LYS A 227 -4.06 1.68 21.50
CA LYS A 227 -5.02 1.08 22.42
C LYS A 227 -4.27 0.02 23.21
N ALA A 228 -4.14 0.23 24.51
CA ALA A 228 -3.47 -0.69 25.41
C ALA A 228 -4.58 -1.43 26.14
N GLN A 229 -4.87 -2.65 25.71
CA GLN A 229 -6.01 -3.41 26.23
C GLN A 229 -7.26 -2.59 25.91
N GLU A 230 -8.05 -2.18 26.88
CA GLU A 230 -9.26 -1.41 26.61
C GLU A 230 -9.05 0.09 26.66
N ARG A 231 -7.82 0.56 26.89
CA ARG A 231 -7.58 1.99 27.09
C ARG A 231 -7.06 2.62 25.79
N ASP A 232 -7.85 3.55 25.25
CA ASP A 232 -7.47 4.29 24.05
C ASP A 232 -6.74 5.59 24.40
N TYR A 233 -5.71 5.92 23.59
CA TYR A 233 -4.95 7.16 23.74
C TYR A 233 -4.67 7.74 22.37
N ALA A 234 -4.61 9.07 22.29
CA ALA A 234 -4.07 9.75 21.14
C ALA A 234 -2.69 10.30 21.48
N VAL A 235 -1.79 10.30 20.50
CA VAL A 235 -0.40 10.67 20.74
C VAL A 235 0.14 11.48 19.57
N ALA A 236 1.00 12.45 19.89
CA ALA A 236 1.72 13.18 18.87
C ALA A 236 3.16 13.34 19.32
N VAL A 237 4.09 12.96 18.44
CA VAL A 237 5.51 13.06 18.67
C VAL A 237 6.14 13.85 17.54
N TYR A 238 6.84 14.92 17.89
CA TYR A 238 7.58 15.75 16.93
C TYR A 238 9.00 15.85 17.44
N THR A 239 9.99 15.49 16.62
CA THR A 239 11.37 15.58 17.05
C THR A 239 12.20 16.38 16.05
N THR A 240 13.25 17.00 16.57
CA THR A 240 14.22 17.73 15.76
C THR A 240 15.60 17.24 16.17
N ALA A 241 16.35 16.67 15.23
CA ALA A 241 17.66 16.11 15.53
C ALA A 241 18.57 16.28 14.33
N PRO A 242 19.10 17.49 14.14
CA PRO A 242 19.83 17.78 12.88
C PRO A 242 21.11 16.99 12.70
N LYS A 243 21.71 16.48 13.77
CA LYS A 243 23.00 15.80 13.68
C LYS A 243 22.87 14.30 13.51
N LEU A 244 21.66 13.74 13.63
CA LEU A 244 21.48 12.30 13.47
C LEU A 244 21.30 11.93 12.01
N SER A 245 21.64 10.68 11.68
CA SER A 245 21.30 10.13 10.39
C SER A 245 19.80 9.81 10.33
N ALA A 246 19.31 9.53 9.12
CA ALA A 246 17.90 9.16 8.97
C ALA A 246 17.53 7.93 9.80
N VAL A 247 18.40 6.90 9.80
CA VAL A 247 18.10 5.70 10.58
C VAL A 247 18.09 6.01 12.07
N GLU A 248 19.02 6.86 12.52
CA GLU A 248 19.05 7.22 13.93
C GLU A 248 17.84 8.04 14.34
N ARG A 249 17.30 8.85 13.42
CA ARG A 249 16.06 9.56 13.72
C ARG A 249 14.87 8.60 13.86
N ASP A 250 14.79 7.57 13.00
CA ASP A 250 13.77 6.54 13.20
C ASP A 250 13.91 5.90 14.57
N GLU A 251 15.15 5.55 14.92
CA GLU A 251 15.40 4.89 16.21
C GLU A 251 15.09 5.83 17.38
N LEU A 252 15.29 7.14 17.20
CA LEU A 252 14.91 8.08 18.24
C LEU A 252 13.41 8.04 18.49
N VAL A 253 12.61 8.05 17.42
CA VAL A 253 11.16 8.02 17.60
C VAL A 253 10.71 6.69 18.19
N ALA A 254 11.34 5.57 17.76
CA ALA A 254 11.04 4.28 18.39
C ALA A 254 11.38 4.29 19.87
N SER A 255 12.50 4.91 20.24
CA SER A 255 12.86 5.05 21.65
C SER A 255 11.81 5.85 22.39
N VAL A 256 11.29 6.94 21.79
CA VAL A 256 10.21 7.66 22.43
C VAL A 256 9.00 6.74 22.64
N GLY A 257 8.73 5.87 21.67
CA GLY A 257 7.65 4.90 21.84
C GLY A 257 7.86 4.02 23.06
N GLN A 258 9.09 3.57 23.29
CA GLN A 258 9.39 2.77 24.47
C GLN A 258 9.21 3.57 25.76
N VAL A 259 9.61 4.85 25.76
CA VAL A 259 9.45 5.68 26.95
C VAL A 259 7.97 5.88 27.25
N ILE A 260 7.16 6.12 26.21
CA ILE A 260 5.71 6.20 26.38
C ILE A 260 5.18 4.89 26.96
N THR A 261 5.60 3.75 26.39
CA THR A 261 5.13 2.46 26.87
C THR A 261 5.45 2.26 28.34
N GLN A 262 6.68 2.57 28.75
CA GLN A 262 7.05 2.39 30.15
C GLN A 262 6.14 3.19 31.06
N LEU A 263 5.81 4.42 30.66
CA LEU A 263 4.88 5.22 31.46
C LEU A 263 3.50 4.56 31.53
N ILE A 264 2.93 4.20 30.37
CA ILE A 264 1.57 3.67 30.36
C ILE A 264 1.48 2.38 31.15
N LEU A 265 2.46 1.48 30.99
CA LEU A 265 2.41 0.21 31.72
C LEU A 265 2.52 0.44 33.22
N SER A 266 3.39 1.37 33.64
CA SER A 266 3.63 1.58 35.06
C SER A 266 2.47 2.28 35.75
N THR A 267 1.68 3.04 35.02
CA THR A 267 0.58 3.79 35.64
C THR A 267 -0.71 2.98 35.72
N ALA A 268 -0.65 1.70 35.38
CA ALA A 268 -1.81 0.80 35.50
C ALA A 268 -1.96 0.31 36.94
N GLU B 2 7.46 -9.08 -38.00
CA GLU B 2 7.19 -8.72 -36.60
C GLU B 2 7.11 -9.95 -35.69
N LYS B 3 6.35 -10.95 -36.11
CA LYS B 3 6.25 -12.18 -35.33
C LYS B 3 7.59 -12.91 -35.28
N LEU B 4 8.32 -12.92 -36.40
CA LEU B 4 9.62 -13.59 -36.42
C LEU B 4 10.64 -12.84 -35.59
N THR B 5 10.62 -11.50 -35.65
CA THR B 5 11.51 -10.71 -34.80
C THR B 5 11.25 -10.99 -33.33
N PHE B 6 9.96 -11.05 -32.94
CA PHE B 6 9.56 -11.36 -31.57
C PHE B 6 10.13 -12.70 -31.13
N LYS B 7 9.94 -13.75 -31.95
CA LYS B 7 10.49 -15.06 -31.62
C LYS B 7 12.02 -15.01 -31.54
N THR B 8 12.66 -14.44 -32.56
CA THR B 8 14.12 -14.45 -32.58
C THR B 8 14.70 -13.62 -31.45
N ASP B 9 14.05 -12.49 -31.12
CA ASP B 9 14.61 -11.68 -30.03
C ASP B 9 14.44 -12.36 -28.68
N LEU B 10 13.32 -13.07 -28.46
CA LEU B 10 13.17 -13.80 -27.20
C LEU B 10 14.17 -14.94 -27.12
N GLU B 11 14.42 -15.63 -28.23
CA GLU B 11 15.33 -16.76 -28.21
C GLU B 11 16.77 -16.31 -27.98
N LYS B 12 17.15 -15.16 -28.52
CA LYS B 12 18.45 -14.58 -28.21
C LYS B 12 18.59 -14.33 -26.71
N LEU B 13 17.56 -13.74 -26.08
CA LEU B 13 17.57 -13.56 -24.63
C LEU B 13 17.67 -14.90 -23.90
N GLU B 14 16.94 -15.90 -24.34
CA GLU B 14 16.99 -17.20 -23.67
C GLU B 14 18.40 -17.77 -23.69
N ARG B 15 19.08 -17.68 -24.83
CA ARG B 15 20.41 -18.27 -24.94
C ARG B 15 21.40 -17.52 -24.08
N GLU B 16 21.39 -16.19 -24.17
CA GLU B 16 22.41 -15.39 -23.50
C GLU B 16 22.23 -15.39 -21.99
N LYS B 17 20.99 -15.51 -21.51
CA LYS B 17 20.72 -15.51 -20.08
C LYS B 17 20.57 -16.90 -19.50
N ALA B 18 20.70 -17.95 -20.33
CA ALA B 18 20.42 -19.33 -19.90
C ALA B 18 19.05 -19.42 -19.24
N ALA B 19 18.05 -18.94 -19.96
CA ALA B 19 16.71 -18.76 -19.43
C ALA B 19 15.68 -19.38 -20.36
N GLN B 20 14.50 -19.62 -19.81
CA GLN B 20 13.34 -19.97 -20.62
C GLN B 20 12.28 -18.92 -20.38
N ILE B 21 11.70 -18.41 -21.46
CA ILE B 21 10.75 -17.29 -21.41
C ILE B 21 9.45 -17.78 -22.01
N GLY B 22 8.40 -17.84 -21.20
CA GLY B 22 7.07 -18.15 -21.67
C GLY B 22 6.25 -16.87 -21.70
N VAL B 23 5.63 -16.61 -22.84
CA VAL B 23 4.84 -15.39 -23.02
C VAL B 23 3.58 -15.73 -23.80
N ALA B 24 2.47 -15.13 -23.39
CA ALA B 24 1.31 -15.09 -24.26
C ALA B 24 0.66 -13.71 -24.16
N ILE B 25 0.32 -13.15 -25.31
CA ILE B 25 -0.44 -11.92 -25.40
C ILE B 25 -1.72 -12.28 -26.13
N VAL B 26 -2.86 -11.92 -25.55
CA VAL B 26 -4.15 -12.18 -26.16
C VAL B 26 -4.99 -10.92 -26.18
N ASP B 27 -5.96 -10.90 -27.09
CA ASP B 27 -6.93 -9.80 -27.15
C ASP B 27 -8.01 -10.03 -26.11
N PRO B 28 -8.97 -9.11 -25.98
CA PRO B 28 -9.97 -9.26 -24.89
C PRO B 28 -10.81 -10.52 -24.98
N GLN B 29 -10.93 -11.13 -26.15
CA GLN B 29 -11.69 -12.36 -26.30
C GLN B 29 -10.81 -13.61 -26.20
N GLY B 30 -9.54 -13.44 -25.90
CA GLY B 30 -8.62 -14.55 -25.76
C GLY B 30 -7.94 -14.98 -27.04
N GLU B 31 -8.11 -14.26 -28.14
CA GLU B 31 -7.44 -14.61 -29.38
C GLU B 31 -5.95 -14.27 -29.27
N ILE B 32 -5.10 -15.16 -29.81
CA ILE B 32 -3.66 -15.01 -29.66
C ILE B 32 -3.15 -13.87 -30.52
N VAL B 33 -2.41 -12.97 -29.89
CA VAL B 33 -1.66 -11.94 -30.60
C VAL B 33 -0.22 -12.39 -30.87
N ALA B 34 0.47 -12.89 -29.84
CA ALA B 34 1.82 -13.41 -29.98
C ALA B 34 2.11 -14.29 -28.77
N GLY B 35 3.10 -15.16 -28.90
CA GLY B 35 3.46 -16.00 -27.78
C GLY B 35 4.76 -16.73 -28.01
N HIS B 36 5.28 -17.31 -26.94
CA HIS B 36 6.51 -18.07 -26.96
C HIS B 36 6.42 -19.09 -25.84
N ARG B 37 6.74 -20.35 -26.15
CA ARG B 37 6.61 -21.44 -25.18
C ARG B 37 5.24 -21.40 -24.50
N MET B 38 4.21 -21.08 -25.27
CA MET B 38 2.96 -20.69 -24.63
C MET B 38 2.14 -21.86 -24.10
N ALA B 39 2.47 -23.09 -24.44
CA ALA B 39 1.84 -24.29 -23.89
C ALA B 39 2.71 -24.99 -22.86
N GLN B 40 3.85 -24.40 -22.49
CA GLN B 40 4.78 -24.94 -21.50
C GLN B 40 4.38 -24.56 -20.07
N ARG B 41 4.60 -25.47 -19.12
CA ARG B 41 4.23 -25.26 -17.73
C ARG B 41 5.28 -24.44 -17.00
N PHE B 42 4.81 -23.48 -16.20
CA PHE B 42 5.66 -22.70 -15.32
C PHE B 42 4.98 -22.58 -13.96
N ALA B 43 5.77 -22.54 -12.90
CA ALA B 43 5.24 -22.29 -11.57
C ALA B 43 4.62 -20.91 -11.53
N MET B 44 3.42 -20.80 -10.96
CA MET B 44 2.75 -19.50 -10.92
C MET B 44 3.41 -18.53 -9.94
N GLY B 45 3.97 -19.04 -8.84
CA GLY B 45 4.35 -18.13 -7.78
C GLY B 45 3.20 -17.20 -7.41
N SER B 46 3.56 -15.99 -6.99
CA SER B 46 2.56 -15.06 -6.48
C SER B 46 1.60 -14.54 -7.55
N THR B 47 1.81 -14.87 -8.84
CA THR B 47 0.89 -14.39 -9.85
C THR B 47 -0.54 -14.89 -9.60
N PHE B 48 -0.68 -16.03 -8.91
CA PHE B 48 -2.03 -16.56 -8.66
C PHE B 48 -2.86 -15.64 -7.76
N LYS B 49 -2.24 -14.70 -7.07
CA LYS B 49 -3.00 -13.86 -6.15
C LYS B 49 -3.97 -12.95 -6.88
N PHE B 50 -3.70 -12.65 -8.16
CA PHE B 50 -4.68 -11.93 -8.96
C PHE B 50 -5.91 -12.78 -9.21
N PRO B 51 -5.80 -14.00 -9.78
CA PRO B 51 -6.98 -14.90 -9.83
C PRO B 51 -7.65 -15.13 -8.48
N LEU B 52 -6.88 -15.20 -7.39
CA LEU B 52 -7.50 -15.37 -6.09
C LEU B 52 -8.41 -14.18 -5.76
N ALA B 53 -7.95 -12.96 -6.04
CA ALA B 53 -8.80 -11.79 -5.82
C ALA B 53 -10.04 -11.86 -6.70
N ALA B 54 -9.92 -12.35 -7.93
CA ALA B 54 -11.09 -12.50 -8.80
C ALA B 54 -12.09 -13.49 -8.23
N LEU B 55 -11.61 -14.62 -7.69
CA LEU B 55 -12.47 -15.57 -7.00
C LEU B 55 -13.23 -14.90 -5.86
N VAL B 56 -12.52 -14.10 -5.06
CA VAL B 56 -13.16 -13.37 -3.97
C VAL B 56 -14.24 -12.43 -4.50
N PHE B 57 -13.93 -11.68 -5.55
CA PHE B 57 -14.93 -10.79 -6.13
C PHE B 57 -16.12 -11.56 -6.71
N GLU B 58 -15.88 -12.74 -7.29
CA GLU B 58 -17.01 -13.52 -7.79
C GLU B 58 -17.96 -13.90 -6.65
N ARG B 59 -17.40 -14.24 -5.48
CA ARG B 59 -18.25 -14.57 -4.33
C ARG B 59 -18.94 -13.34 -3.79
N ILE B 60 -18.29 -12.18 -3.81
CA ILE B 60 -18.99 -10.95 -3.44
C ILE B 60 -20.11 -10.66 -4.43
N ASP B 61 -19.83 -10.82 -5.75
CA ASP B 61 -20.86 -10.59 -6.76
C ASP B 61 -22.06 -11.51 -6.56
N SER B 62 -21.81 -12.77 -6.22
CA SER B 62 -22.91 -13.72 -6.08
CA SER B 62 -22.90 -13.74 -6.08
C SER B 62 -23.58 -13.66 -4.72
N GLY B 63 -23.03 -12.91 -3.77
CA GLY B 63 -23.61 -12.78 -2.46
C GLY B 63 -23.17 -13.80 -1.44
N THR B 64 -22.21 -14.67 -1.79
CA THR B 64 -21.74 -15.69 -0.87
C THR B 64 -20.57 -15.22 -0.02
N GLU B 65 -20.10 -13.99 -0.22
CA GLU B 65 -19.07 -13.38 0.61
C GLU B 65 -19.37 -11.90 0.74
N ARG B 66 -18.86 -11.30 1.81
CA ARG B 66 -19.02 -9.86 2.06
C ARG B 66 -17.64 -9.23 2.18
N GLY B 67 -17.42 -8.13 1.46
CA GLY B 67 -16.11 -7.52 1.44
C GLY B 67 -15.64 -7.00 2.79
N ASP B 68 -16.57 -6.62 3.65
CA ASP B 68 -16.23 -6.07 4.96
C ASP B 68 -16.19 -7.12 6.06
N ARG B 69 -16.34 -8.40 5.73
CA ARG B 69 -16.31 -9.41 6.77
C ARG B 69 -14.92 -9.52 7.39
N LYS B 70 -14.88 -9.52 8.73
CA LYS B 70 -13.61 -9.56 9.45
C LYS B 70 -13.08 -10.97 9.51
N LEU B 71 -11.83 -11.16 9.07
CA LEU B 71 -11.16 -12.45 9.12
C LEU B 71 -10.13 -12.42 10.24
N SER B 72 -10.45 -13.10 11.33
CA SER B 72 -9.60 -13.05 12.52
C SER B 72 -8.40 -13.97 12.39
N TYR B 73 -7.30 -13.58 13.01
CA TYR B 73 -6.11 -14.42 12.98
C TYR B 73 -5.16 -14.05 14.11
N GLY B 74 -4.23 -14.96 14.39
CA GLY B 74 -3.19 -14.72 15.36
C GLY B 74 -1.81 -14.79 14.72
N PRO B 75 -0.78 -14.82 15.56
CA PRO B 75 0.59 -14.74 15.02
C PRO B 75 0.97 -15.90 14.11
N ASP B 76 0.29 -17.05 14.20
CA ASP B 76 0.63 -18.17 13.32
C ASP B 76 0.27 -17.90 11.85
N MET B 77 -0.46 -16.83 11.56
CA MET B 77 -0.74 -16.46 10.18
C MET B 77 0.41 -15.71 9.52
N ILE B 78 1.36 -15.21 10.31
CA ILE B 78 2.47 -14.45 9.76
C ILE B 78 3.50 -15.41 9.18
N VAL B 79 3.77 -15.29 7.88
CA VAL B 79 4.79 -16.05 7.18
C VAL B 79 5.71 -15.05 6.48
N GLU B 80 6.76 -15.56 5.85
CA GLU B 80 7.68 -14.69 5.13
C GLU B 80 6.90 -13.74 4.23
N TRP B 81 7.32 -12.48 4.25
CA TRP B 81 6.73 -11.42 3.44
C TRP B 81 5.22 -11.27 3.68
N SER B 82 4.90 -10.73 4.86
CA SER B 82 3.52 -10.46 5.26
C SER B 82 3.41 -9.06 5.86
N PRO B 83 3.74 -8.02 5.08
CA PRO B 83 3.83 -6.67 5.67
C PRO B 83 2.52 -6.13 6.20
N ALA B 84 1.41 -6.30 5.48
CA ALA B 84 0.14 -5.81 5.99
C ALA B 84 -0.38 -6.71 7.11
N THR B 85 -0.29 -8.04 6.93
CA THR B 85 -0.71 -8.96 7.99
C THR B 85 -0.03 -8.63 9.32
N GLU B 86 1.26 -8.32 9.28
CA GLU B 86 1.97 -7.98 10.51
C GLU B 86 1.41 -6.70 11.12
N ARG B 87 1.13 -5.69 10.29
CA ARG B 87 0.63 -4.41 10.80
C ARG B 87 -0.75 -4.57 11.43
N PHE B 88 -1.63 -5.40 10.84
CA PHE B 88 -2.97 -5.59 11.36
C PHE B 88 -3.08 -6.63 12.48
N LEU B 89 -1.97 -7.30 12.82
CA LEU B 89 -2.02 -8.41 13.77
C LEU B 89 -2.66 -8.00 15.10
N ALA B 90 -2.17 -6.91 15.71
CA ALA B 90 -2.70 -6.54 17.02
C ALA B 90 -4.20 -6.25 16.97
N SER B 91 -4.68 -5.67 15.86
CA SER B 91 -6.12 -5.39 15.74
C SER B 91 -6.94 -6.66 15.67
N GLY B 92 -6.34 -7.79 15.32
CA GLY B 92 -6.99 -9.07 15.38
C GLY B 92 -7.60 -9.58 14.09
N HIS B 93 -7.66 -8.77 13.03
CA HIS B 93 -8.30 -9.21 11.80
C HIS B 93 -7.83 -8.35 10.63
N MET B 94 -8.09 -8.85 9.42
CA MET B 94 -8.19 -8.04 8.21
C MET B 94 -9.53 -8.39 7.59
N THR B 95 -10.18 -7.42 6.94
CA THR B 95 -11.37 -7.77 6.21
C THR B 95 -11.01 -8.54 4.94
N VAL B 96 -12.04 -9.17 4.36
CA VAL B 96 -11.88 -9.82 3.06
C VAL B 96 -11.23 -8.87 2.05
N LEU B 97 -11.74 -7.65 1.94
CA LEU B 97 -11.22 -6.72 0.95
C LEU B 97 -9.83 -6.21 1.29
N GLU B 98 -9.54 -5.96 2.57
CA GLU B 98 -8.18 -5.57 2.96
C GLU B 98 -7.18 -6.66 2.60
N ALA B 99 -7.51 -7.90 2.94
CA ALA B 99 -6.60 -9.02 2.65
C ALA B 99 -6.39 -9.18 1.15
N ALA B 100 -7.46 -9.04 0.36
CA ALA B 100 -7.32 -9.24 -1.07
C ALA B 100 -6.47 -8.13 -1.69
N GLN B 101 -6.66 -6.89 -1.24
CA GLN B 101 -5.88 -5.79 -1.80
C GLN B 101 -4.42 -5.92 -1.42
N ALA B 102 -4.15 -6.35 -0.18
CA ALA B 102 -2.75 -6.57 0.23
C ALA B 102 -2.11 -7.73 -0.54
N ALA B 103 -2.88 -8.81 -0.78
CA ALA B 103 -2.36 -9.91 -1.59
C ALA B 103 -1.97 -9.42 -2.97
N VAL B 104 -2.84 -8.62 -3.60
CA VAL B 104 -2.60 -8.19 -4.98
C VAL B 104 -1.50 -7.13 -5.04
N GLN B 105 -1.57 -6.10 -4.17
CA GLN B 105 -0.70 -4.93 -4.36
C GLN B 105 0.61 -5.03 -3.61
N LEU B 106 0.67 -5.82 -2.54
CA LEU B 106 1.91 -5.99 -1.79
C LEU B 106 2.44 -7.41 -1.91
N SER B 107 1.69 -8.33 -2.52
CA SER B 107 2.04 -9.74 -2.55
C SER B 107 2.13 -10.35 -1.15
N ASP B 108 1.30 -9.85 -0.23
CA ASP B 108 1.36 -10.27 1.17
C ASP B 108 0.95 -11.74 1.28
N ASN B 109 1.88 -12.56 1.79
CA ASN B 109 1.63 -14.01 1.85
C ASN B 109 0.66 -14.37 2.97
N GLY B 110 0.78 -13.74 4.15
CA GLY B 110 -0.15 -14.01 5.21
C GLY B 110 -1.58 -13.66 4.82
N ALA B 111 -1.76 -12.56 4.09
CA ALA B 111 -3.09 -12.16 3.66
C ALA B 111 -3.65 -13.15 2.66
N THR B 112 -2.79 -13.66 1.77
CA THR B 112 -3.19 -14.68 0.82
C THR B 112 -3.63 -15.94 1.54
N ASN B 113 -2.86 -16.39 2.53
CA ASN B 113 -3.23 -17.59 3.26
C ASN B 113 -4.49 -17.39 4.08
N LEU B 114 -4.71 -16.17 4.59
CA LEU B 114 -5.94 -15.88 5.30
C LEU B 114 -7.15 -16.03 4.38
N LEU B 115 -7.06 -15.50 3.15
CA LEU B 115 -8.14 -15.70 2.19
C LEU B 115 -8.32 -17.18 1.83
N LEU B 116 -7.20 -17.88 1.57
CA LEU B 116 -7.31 -19.32 1.27
C LEU B 116 -8.04 -20.07 2.37
N ARG B 117 -7.79 -19.71 3.63
CA ARG B 117 -8.51 -20.35 4.72
C ARG B 117 -10.01 -20.13 4.59
N GLU B 118 -10.42 -18.93 4.17
CA GLU B 118 -11.83 -18.58 4.16
C GLU B 118 -12.58 -19.06 2.92
N ILE B 119 -11.90 -19.33 1.82
CA ILE B 119 -12.59 -19.65 0.57
C ILE B 119 -12.54 -21.12 0.21
N GLY B 120 -11.90 -21.96 1.02
CA GLY B 120 -11.82 -23.38 0.71
C GLY B 120 -10.45 -23.89 0.27
N GLY B 121 -9.39 -23.12 0.46
CA GLY B 121 -8.06 -23.61 0.26
C GLY B 121 -7.66 -23.72 -1.20
N PRO B 122 -6.47 -24.26 -1.45
CA PRO B 122 -6.02 -24.46 -2.83
C PRO B 122 -7.04 -25.15 -3.71
N ALA B 123 -7.77 -26.12 -3.17
CA ALA B 123 -8.77 -26.81 -3.99
C ALA B 123 -9.80 -25.83 -4.54
N ALA B 124 -10.21 -24.84 -3.73
CA ALA B 124 -11.20 -23.87 -4.20
C ALA B 124 -10.64 -22.94 -5.27
N MET B 125 -9.36 -22.55 -5.14
CA MET B 125 -8.72 -21.76 -6.19
C MET B 125 -8.74 -22.53 -7.52
N THR B 126 -8.38 -23.81 -7.49
CA THR B 126 -8.37 -24.62 -8.71
C THR B 126 -9.76 -24.74 -9.30
N GLN B 127 -10.76 -24.96 -8.44
CA GLN B 127 -12.13 -25.05 -8.95
C GLN B 127 -12.54 -23.75 -9.64
N TYR B 128 -12.10 -22.60 -9.12
CA TYR B 128 -12.41 -21.33 -9.76
C TYR B 128 -11.78 -21.22 -11.15
N PHE B 129 -10.52 -21.61 -11.29
CA PHE B 129 -9.92 -21.66 -12.62
C PHE B 129 -10.81 -22.46 -13.57
N ARG B 130 -11.24 -23.65 -13.15
CA ARG B 130 -12.09 -24.47 -14.02
C ARG B 130 -13.38 -23.73 -14.36
N LYS B 131 -13.97 -23.05 -13.37
CA LYS B 131 -15.23 -22.35 -13.58
C LYS B 131 -15.11 -21.32 -14.70
N ILE B 132 -13.97 -20.65 -14.78
CA ILE B 132 -13.82 -19.60 -15.79
C ILE B 132 -13.13 -20.11 -17.06
N GLY B 133 -13.17 -21.44 -17.26
CA GLY B 133 -12.73 -22.03 -18.51
C GLY B 133 -11.25 -22.32 -18.62
N ASP B 134 -10.52 -22.30 -17.51
CA ASP B 134 -9.10 -22.58 -17.49
C ASP B 134 -8.95 -23.99 -16.93
N SER B 135 -8.63 -24.94 -17.81
CA SER B 135 -8.47 -26.34 -17.41
C SER B 135 -7.03 -26.68 -17.05
N VAL B 136 -6.16 -25.68 -17.01
CA VAL B 136 -4.72 -25.87 -16.90
C VAL B 136 -4.20 -25.40 -15.54
N SER B 137 -4.46 -24.15 -15.17
CA SER B 137 -3.89 -23.59 -13.96
C SER B 137 -4.36 -24.38 -12.73
N ARG B 138 -3.46 -24.57 -11.78
CA ARG B 138 -3.82 -25.33 -10.59
C ARG B 138 -3.05 -24.81 -9.39
N LEU B 139 -3.75 -24.58 -8.28
CA LEU B 139 -3.13 -24.27 -7.00
C LEU B 139 -3.24 -25.49 -6.12
N ASP B 140 -2.13 -25.86 -5.50
CA ASP B 140 -2.06 -27.06 -4.67
C ASP B 140 -1.63 -26.79 -3.25
N ARG B 141 -0.92 -25.70 -3.01
CA ARG B 141 -0.36 -25.41 -1.69
C ARG B 141 -0.56 -23.94 -1.34
N LYS B 142 -0.45 -23.64 -0.05
CA LYS B 142 -0.47 -22.25 0.38
C LYS B 142 0.93 -21.63 0.27
N GLU B 143 1.04 -20.36 0.61
CA GLU B 143 2.33 -19.66 0.57
C GLU B 143 3.12 -19.94 1.85
N PRO B 144 4.46 -19.99 1.74
CA PRO B 144 5.22 -19.76 0.52
C PRO B 144 5.64 -21.05 -0.18
N GLU B 145 5.24 -22.22 0.35
CA GLU B 145 5.68 -23.48 -0.27
C GLU B 145 5.16 -23.67 -1.68
N MET B 146 4.04 -23.05 -2.06
CA MET B 146 3.58 -23.16 -3.45
C MET B 146 4.59 -22.61 -4.46
N SER B 147 5.59 -21.83 -4.02
CA SER B 147 6.58 -21.27 -4.92
CA SER B 147 6.60 -21.26 -4.91
C SER B 147 7.85 -22.11 -5.00
N ASP B 148 7.83 -23.33 -4.45
CA ASP B 148 9.03 -24.19 -4.43
C ASP B 148 9.55 -24.48 -5.84
N ASN B 149 8.64 -24.67 -6.81
CA ASN B 149 9.04 -24.78 -8.22
C ASN B 149 10.06 -25.89 -8.47
N THR B 150 9.79 -27.06 -7.91
CA THR B 150 10.67 -28.20 -8.21
C THR B 150 10.48 -28.58 -9.68
N PRO B 151 11.52 -28.55 -10.51
CA PRO B 151 11.30 -28.72 -11.95
C PRO B 151 10.68 -30.09 -12.25
N GLY B 152 9.60 -30.07 -13.03
CA GLY B 152 8.84 -31.27 -13.35
C GLY B 152 7.59 -31.45 -12.51
N ASP B 153 7.51 -30.78 -11.37
CA ASP B 153 6.35 -30.89 -10.50
C ASP B 153 5.22 -30.07 -11.12
N LEU B 154 4.04 -30.66 -11.26
CA LEU B 154 2.93 -29.91 -11.83
C LEU B 154 2.14 -29.14 -10.79
N ARG B 155 2.38 -29.35 -9.51
CA ARG B 155 1.69 -28.55 -8.50
C ARG B 155 1.92 -27.07 -8.73
N ASP B 156 0.86 -26.27 -8.57
CA ASP B 156 1.01 -24.82 -8.51
C ASP B 156 1.54 -24.21 -9.82
N THR B 157 1.11 -24.76 -10.95
CA THR B 157 1.57 -24.33 -12.27
C THR B 157 0.44 -23.78 -13.14
N THR B 158 0.87 -23.10 -14.21
CA THR B 158 0.01 -22.66 -15.29
C THR B 158 0.81 -22.76 -16.59
N THR B 159 0.19 -22.38 -17.71
CA THR B 159 0.93 -22.14 -18.94
C THR B 159 0.67 -20.69 -19.35
N PRO B 160 1.59 -20.08 -20.11
CA PRO B 160 1.36 -18.67 -20.50
C PRO B 160 0.02 -18.45 -21.18
N ILE B 161 -0.39 -19.34 -22.10
CA ILE B 161 -1.65 -19.10 -22.80
C ILE B 161 -2.85 -19.27 -21.87
N ALA B 162 -2.84 -20.29 -21.00
CA ALA B 162 -3.95 -20.46 -20.08
C ALA B 162 -4.09 -19.25 -19.17
N MET B 163 -2.97 -18.76 -18.63
CA MET B 163 -3.06 -17.64 -17.70
C MET B 163 -3.43 -16.34 -18.41
N ALA B 164 -2.89 -16.10 -19.61
CA ALA B 164 -3.27 -14.90 -20.35
C ALA B 164 -4.77 -14.90 -20.63
N ARG B 165 -5.32 -16.05 -21.02
CA ARG B 165 -6.75 -16.15 -21.27
C ARG B 165 -7.55 -15.98 -19.98
N THR B 166 -7.02 -16.44 -18.86
CA THR B 166 -7.70 -16.21 -17.57
C THR B 166 -7.70 -14.73 -17.21
N VAL B 167 -6.58 -14.03 -17.44
CA VAL B 167 -6.54 -12.59 -17.23
C VAL B 167 -7.60 -11.90 -18.09
N ALA B 168 -7.68 -12.27 -19.37
CA ALA B 168 -8.65 -11.66 -20.27
C ALA B 168 -10.08 -11.95 -19.84
N LYS B 169 -10.35 -13.19 -19.38
CA LYS B 169 -11.69 -13.52 -18.91
C LYS B 169 -12.09 -12.65 -17.73
N VAL B 170 -11.17 -12.44 -16.78
CA VAL B 170 -11.45 -11.67 -15.58
C VAL B 170 -11.66 -10.20 -15.92
N LEU B 171 -10.83 -9.64 -16.80
CA LEU B 171 -10.86 -8.20 -17.03
C LEU B 171 -11.79 -7.78 -18.17
N TYR B 172 -12.02 -8.65 -19.14
CA TYR B 172 -12.75 -8.30 -20.35
C TYR B 172 -13.88 -9.25 -20.72
N GLY B 173 -13.89 -10.48 -20.18
CA GLY B 173 -14.78 -11.54 -20.65
C GLY B 173 -15.97 -11.77 -19.74
N GLY B 174 -16.26 -10.81 -18.86
CA GLY B 174 -17.50 -10.83 -18.11
C GLY B 174 -17.51 -11.72 -16.89
N ALA B 175 -16.34 -12.15 -16.41
CA ALA B 175 -16.31 -13.01 -15.23
C ALA B 175 -16.82 -12.29 -13.98
N LEU B 176 -16.68 -10.97 -13.91
CA LEU B 176 -17.06 -10.18 -12.75
C LEU B 176 -18.02 -9.06 -13.16
N THR B 177 -18.80 -8.55 -12.19
CA THR B 177 -19.63 -7.38 -12.46
C THR B 177 -18.76 -6.19 -12.88
N SER B 178 -19.42 -5.19 -13.48
CA SER B 178 -18.69 -3.99 -13.87
C SER B 178 -17.95 -3.38 -12.67
N THR B 179 -18.61 -3.30 -11.52
CA THR B 179 -17.99 -2.68 -10.36
C THR B 179 -16.78 -3.49 -9.88
N SER B 180 -16.92 -4.82 -9.78
CA SER B 180 -15.81 -5.63 -9.30
C SER B 180 -14.66 -5.61 -10.31
N THR B 181 -14.97 -5.67 -11.61
CA THR B 181 -13.94 -5.59 -12.63
C THR B 181 -13.16 -4.30 -12.51
N HIS B 182 -13.86 -3.17 -12.35
CA HIS B 182 -13.16 -1.89 -12.24
C HIS B 182 -12.25 -1.88 -11.02
N THR B 183 -12.74 -2.40 -9.89
CA THR B 183 -11.93 -2.38 -8.69
C THR B 183 -10.65 -3.19 -8.87
N ILE B 184 -10.78 -4.41 -9.41
CA ILE B 184 -9.58 -5.23 -9.55
C ILE B 184 -8.61 -4.63 -10.56
N GLU B 185 -9.12 -3.98 -11.61
CA GLU B 185 -8.25 -3.29 -12.57
C GLU B 185 -7.44 -2.19 -11.88
N ARG B 186 -8.11 -1.39 -11.03
CA ARG B 186 -7.39 -0.33 -10.31
C ARG B 186 -6.34 -0.92 -9.38
N TRP B 187 -6.66 -2.06 -8.74
CA TRP B 187 -5.66 -2.67 -7.87
C TRP B 187 -4.41 -3.06 -8.66
N LEU B 188 -4.61 -3.61 -9.86
CA LEU B 188 -3.45 -4.00 -10.68
C LEU B 188 -2.65 -2.79 -11.11
N ILE B 189 -3.33 -1.69 -11.50
CA ILE B 189 -2.61 -0.46 -11.87
C ILE B 189 -1.78 0.03 -10.70
N GLY B 190 -2.35 0.00 -9.50
CA GLY B 190 -1.67 0.48 -8.31
C GLY B 190 -0.76 -0.52 -7.64
N ASN B 191 -0.52 -1.67 -8.26
CA ASN B 191 0.40 -2.65 -7.71
C ASN B 191 1.72 -1.97 -7.32
N GLN B 192 2.28 -2.38 -6.18
CA GLN B 192 3.49 -1.73 -5.67
C GLN B 192 4.76 -2.50 -5.97
N THR B 193 4.67 -3.71 -6.53
CA THR B 193 5.83 -4.59 -6.61
C THR B 193 6.38 -4.74 -8.03
N GLY B 194 5.79 -4.07 -9.01
CA GLY B 194 6.13 -4.30 -10.40
C GLY B 194 6.89 -3.19 -11.09
N ASP B 195 7.49 -2.27 -10.33
CA ASP B 195 8.09 -1.10 -10.97
C ASP B 195 9.29 -1.45 -11.83
N ALA B 196 9.98 -2.57 -11.54
CA ALA B 196 11.20 -2.95 -12.24
C ALA B 196 11.02 -4.11 -13.20
N THR B 197 9.80 -4.61 -13.40
CA THR B 197 9.54 -5.76 -14.25
C THR B 197 8.85 -5.30 -15.54
N LEU B 198 7.73 -5.90 -15.95
CA LEU B 198 7.19 -5.62 -17.29
C LEU B 198 6.97 -4.14 -17.51
N ARG B 199 6.37 -3.45 -16.53
CA ARG B 199 5.99 -2.08 -16.82
C ARG B 199 7.19 -1.18 -17.05
N ALA B 200 8.38 -1.57 -16.56
CA ALA B 200 9.60 -0.84 -16.88
C ALA B 200 9.96 -0.91 -18.36
N GLY B 201 9.51 -1.95 -19.06
CA GLY B 201 9.78 -2.12 -20.48
C GLY B 201 8.68 -1.67 -21.41
N PHE B 202 7.55 -1.12 -20.87
CA PHE B 202 6.44 -0.62 -21.66
C PHE B 202 6.45 0.91 -21.71
N PRO B 203 5.93 1.49 -22.80
CA PRO B 203 5.81 2.95 -22.88
C PRO B 203 5.03 3.52 -21.70
N LYS B 204 5.50 4.67 -21.21
CA LYS B 204 4.93 5.31 -20.02
C LYS B 204 3.50 5.79 -20.23
N ASP B 205 3.06 5.95 -21.47
CA ASP B 205 1.69 6.40 -21.69
C ASP B 205 0.70 5.25 -21.76
N TRP B 206 1.17 3.99 -21.80
CA TRP B 206 0.22 2.89 -21.78
C TRP B 206 -0.40 2.78 -20.40
N VAL B 207 -1.68 2.43 -20.35
CA VAL B 207 -2.28 2.05 -19.07
C VAL B 207 -1.91 0.58 -18.85
N VAL B 208 -1.27 0.30 -17.72
CA VAL B 208 -0.74 -1.03 -17.42
C VAL B 208 -1.11 -1.39 -15.98
N GLY B 209 -1.52 -2.64 -15.77
CA GLY B 209 -1.67 -3.17 -14.43
C GLY B 209 -1.18 -4.60 -14.41
N GLU B 210 -0.56 -5.04 -13.32
CA GLU B 210 0.03 -6.37 -13.33
C GLU B 210 0.28 -6.87 -11.93
N LYS B 211 0.54 -8.18 -11.85
CA LYS B 211 0.87 -8.88 -10.61
C LYS B 211 2.14 -9.69 -10.85
N THR B 212 3.17 -9.43 -10.03
CA THR B 212 4.44 -10.12 -10.11
C THR B 212 4.43 -11.47 -9.38
N GLY B 213 5.45 -12.25 -9.66
CA GLY B 213 5.73 -13.42 -8.86
C GLY B 213 7.20 -13.75 -8.92
N THR B 214 7.70 -14.41 -7.87
CA THR B 214 9.04 -14.97 -7.81
C THR B 214 8.93 -16.41 -7.34
N CYS B 215 9.71 -17.29 -7.93
CA CYS B 215 9.74 -18.67 -7.48
C CYS B 215 11.18 -19.09 -7.23
N ALA B 216 11.34 -20.11 -6.38
CA ALA B 216 12.63 -20.75 -6.22
C ALA B 216 13.09 -21.27 -7.57
N ASN B 217 14.38 -21.58 -7.65
CA ASN B 217 14.99 -22.10 -8.87
C ASN B 217 14.87 -21.11 -10.03
N GLY B 218 14.85 -19.81 -9.72
CA GLY B 218 15.01 -18.79 -10.74
C GLY B 218 13.74 -18.33 -11.43
N GLY B 219 12.57 -18.52 -10.82
CA GLY B 219 11.32 -18.06 -11.45
C GLY B 219 11.10 -16.57 -11.25
N ARG B 220 10.69 -15.89 -12.32
CA ARG B 220 10.33 -14.48 -12.22
C ARG B 220 9.25 -14.19 -13.24
N ASN B 221 8.10 -13.72 -12.75
CA ASN B 221 6.88 -13.73 -13.54
C ASN B 221 6.16 -12.40 -13.39
N ASP B 222 5.27 -12.10 -14.35
CA ASP B 222 4.47 -10.87 -14.30
C ASP B 222 3.30 -11.08 -15.25
N ILE B 223 2.07 -10.91 -14.74
CA ILE B 223 0.88 -11.09 -15.56
C ILE B 223 -0.03 -9.89 -15.39
N GLY B 224 -0.78 -9.55 -16.43
CA GLY B 224 -1.66 -8.40 -16.31
C GLY B 224 -2.22 -7.95 -17.62
N PHE B 225 -2.40 -6.64 -17.76
CA PHE B 225 -2.99 -6.08 -18.97
C PHE B 225 -2.27 -4.80 -19.36
N PHE B 226 -2.42 -4.44 -20.62
CA PHE B 226 -2.00 -3.12 -21.06
C PHE B 226 -2.96 -2.58 -22.12
N LYS B 227 -3.12 -1.26 -22.15
CA LYS B 227 -3.93 -0.58 -23.16
C LYS B 227 -3.00 0.27 -24.00
N ALA B 228 -2.99 0.02 -25.31
CA ALA B 228 -2.08 0.68 -26.23
C ALA B 228 -2.77 0.82 -27.57
N GLN B 229 -2.55 1.95 -28.25
CA GLN B 229 -3.11 2.19 -29.58
C GLN B 229 -4.62 1.93 -29.60
N GLU B 230 -5.31 2.39 -28.54
CA GLU B 230 -6.76 2.27 -28.43
C GLU B 230 -7.24 0.83 -28.39
N ARG B 231 -6.37 -0.09 -27.99
CA ARG B 231 -6.70 -1.50 -27.89
C ARG B 231 -6.26 -2.04 -26.54
N ASP B 232 -6.98 -3.04 -26.07
CA ASP B 232 -6.71 -3.70 -24.80
C ASP B 232 -6.07 -5.07 -25.06
N TYR B 233 -5.11 -5.42 -24.21
CA TYR B 233 -4.42 -6.70 -24.29
C TYR B 233 -4.29 -7.29 -22.91
N ALA B 234 -4.26 -8.61 -22.84
CA ALA B 234 -3.91 -9.34 -21.64
C ALA B 234 -2.60 -10.07 -21.90
N VAL B 235 -1.74 -10.14 -20.89
CA VAL B 235 -0.41 -10.69 -21.07
C VAL B 235 -0.02 -11.54 -19.86
N ALA B 236 0.67 -12.64 -20.14
CA ALA B 236 1.28 -13.44 -19.10
C ALA B 236 2.73 -13.70 -19.47
N VAL B 237 3.66 -13.37 -18.57
CA VAL B 237 5.08 -13.63 -18.75
C VAL B 237 5.58 -14.48 -17.58
N TYR B 238 6.17 -15.64 -17.90
CA TYR B 238 6.79 -16.51 -16.92
C TYR B 238 8.22 -16.77 -17.38
N THR B 239 9.20 -16.55 -16.51
CA THR B 239 10.58 -16.82 -16.89
C THR B 239 11.25 -17.69 -15.84
N THR B 240 12.20 -18.49 -16.28
CA THR B 240 13.03 -19.31 -15.41
C THR B 240 14.47 -19.05 -15.79
N ALA B 241 15.26 -18.57 -14.84
CA ALA B 241 16.67 -18.24 -15.09
C ALA B 241 17.46 -18.57 -13.83
N PRO B 242 17.80 -19.84 -13.63
CA PRO B 242 18.38 -20.26 -12.35
C PRO B 242 19.72 -19.61 -12.04
N LYS B 243 20.46 -19.18 -13.05
CA LYS B 243 21.80 -18.66 -12.85
C LYS B 243 21.88 -17.15 -12.78
N LEU B 244 20.78 -16.44 -13.05
CA LEU B 244 20.80 -14.99 -12.91
C LEU B 244 20.57 -14.59 -11.46
N SER B 245 21.03 -13.39 -11.13
CA SER B 245 20.72 -12.79 -9.84
C SER B 245 19.31 -12.22 -9.86
N ALA B 246 18.81 -11.86 -8.67
CA ALA B 246 17.45 -11.32 -8.58
C ALA B 246 17.29 -10.05 -9.41
N VAL B 247 18.26 -9.14 -9.33
CA VAL B 247 18.19 -7.92 -10.13
C VAL B 247 18.24 -8.25 -11.62
N GLU B 248 19.10 -9.20 -12.01
CA GLU B 248 19.19 -9.58 -13.41
C GLU B 248 17.88 -10.22 -13.90
N ARG B 249 17.16 -10.92 -13.02
CA ARG B 249 15.87 -11.45 -13.42
C ARG B 249 14.83 -10.35 -13.62
N ASP B 250 14.85 -9.32 -12.77
CA ASP B 250 14.00 -8.16 -13.02
C ASP B 250 14.32 -7.58 -14.39
N GLU B 251 15.61 -7.42 -14.68
CA GLU B 251 16.01 -6.84 -15.96
C GLU B 251 15.52 -7.70 -17.12
N LEU B 252 15.55 -9.02 -16.95
CA LEU B 252 15.11 -9.90 -18.02
C LEU B 252 13.64 -9.69 -18.33
N VAL B 253 12.82 -9.57 -17.28
CA VAL B 253 11.39 -9.36 -17.51
C VAL B 253 11.14 -7.99 -18.13
N ALA B 254 11.85 -6.96 -17.69
CA ALA B 254 11.76 -5.65 -18.34
C ALA B 254 12.14 -5.76 -19.81
N SER B 255 13.18 -6.54 -20.12
CA SER B 255 13.60 -6.71 -21.52
C SER B 255 12.52 -7.42 -22.32
N VAL B 256 11.87 -8.42 -21.73
CA VAL B 256 10.71 -9.02 -22.38
C VAL B 256 9.64 -7.97 -22.64
N GLY B 257 9.44 -7.07 -21.68
CA GLY B 257 8.53 -5.95 -21.91
C GLY B 257 8.90 -5.17 -23.15
N GLN B 258 10.20 -4.90 -23.34
CA GLN B 258 10.66 -4.16 -24.51
C GLN B 258 10.39 -4.91 -25.79
N VAL B 259 10.58 -6.23 -25.79
CA VAL B 259 10.29 -7.04 -26.98
C VAL B 259 8.81 -6.99 -27.30
N ILE B 260 7.95 -7.08 -26.27
CA ILE B 260 6.52 -6.90 -26.45
C ILE B 260 6.22 -5.53 -27.04
N THR B 261 6.81 -4.47 -26.48
CA THR B 261 6.59 -3.12 -27.00
C THR B 261 6.91 -3.04 -28.48
N GLN B 262 8.05 -3.61 -28.90
CA GLN B 262 8.42 -3.56 -30.30
C GLN B 262 7.40 -4.26 -31.18
N LEU B 263 6.88 -5.41 -30.71
CA LEU B 263 5.86 -6.13 -31.48
C LEU B 263 4.59 -5.30 -31.62
N ILE B 264 4.08 -4.77 -30.50
CA ILE B 264 2.83 -4.02 -30.52
C ILE B 264 2.95 -2.78 -31.40
N LEU B 265 4.05 -2.05 -31.27
CA LEU B 265 4.21 -0.81 -32.05
C LEU B 265 4.46 -1.09 -33.52
N SER B 266 4.89 -2.29 -33.88
CA SER B 266 5.09 -2.61 -35.29
C SER B 266 3.78 -2.78 -36.04
N THR B 267 2.65 -2.89 -35.33
CA THR B 267 1.34 -3.01 -35.96
C THR B 267 0.55 -1.72 -35.75
C7 IM2 C . 6.38 14.06 4.88
C2 IM2 C . 8.64 10.89 3.86
C6 IM2 C . 7.27 13.98 3.66
C5 IM2 C . 7.12 12.61 3.07
C3 IM2 C . 7.41 11.04 4.67
O7 IM2 C . 6.84 14.52 5.92
C61 IM2 C . 6.82 15.03 2.67
O62 IM2 C . 7.80 15.18 1.64
C62 IM2 C . 6.69 16.34 3.41
N4 IM2 C . 6.60 11.83 4.17
C31 IM2 C . 7.09 10.41 5.94
O31 IM2 C . 7.93 10.40 6.87
O32 IM2 C . 5.96 9.90 6.07
S21 IM2 C . 8.51 9.42 2.93
C22 IM2 C . 8.62 8.06 4.04
C23 IM2 C . 8.89 6.80 3.24
N24 IM2 C . 8.79 5.78 4.27
C25 IM2 C . 9.37 4.72 4.15
N26 IM2 C . 9.93 3.65 4.05
C1 IM2 C . 8.51 12.02 2.87
C7 IM2 D . 5.36 -14.41 -4.70
C2 IM2 D . 7.85 -11.25 -3.73
C6 IM2 D . 6.46 -14.27 -3.68
C5 IM2 D . 6.27 -12.93 -2.96
C3 IM2 D . 6.67 -11.44 -4.61
O7 IM2 D . 5.65 -14.71 -5.85
C61 IM2 D . 6.50 -15.51 -2.79
O62 IM2 D . 6.54 -15.17 -1.41
C62 IM2 D . 7.74 -16.33 -3.13
N4 IM2 D . 5.78 -12.12 -4.06
C31 IM2 D . 6.45 -10.93 -5.95
O31 IM2 D . 7.33 -11.05 -6.82
O32 IM2 D . 5.36 -10.38 -6.17
S21 IM2 D . 7.99 -9.56 -3.22
C22 IM2 D . 9.30 -8.79 -4.11
C23 IM2 D . 8.89 -7.39 -4.57
N24 IM2 D . 10.00 -6.91 -5.38
C25 IM2 D . 10.06 -5.74 -5.70
N26 IM2 D . 10.09 -4.58 -6.04
C1 IM2 D . 7.56 -12.20 -2.57
#